data_3P80
#
_entry.id   3P80
#
_cell.length_a   57.494
_cell.length_b   70.642
_cell.length_c   88.956
_cell.angle_alpha   90.000
_cell.angle_beta   90.000
_cell.angle_gamma   90.000
#
_symmetry.space_group_name_H-M   'P 21 21 21'
#
loop_
_entity.id
_entity.type
_entity.pdbx_description
1 polymer 'Pentaerythritol tetranitrate reductase'
2 non-polymer 'FLAVIN MONONUCLEOTIDE'
3 non-polymer 3-[(E)-2-nitroethenyl]phenol
4 water water
#
_entity_poly.entity_id   1
_entity_poly.type   'polypeptide(L)'
_entity_poly.pdbx_seq_one_letter_code
;MSAEKLFTPLKVGAVTAPNRVFMAPLTRLRSIEPGDIPTPLMGEYYRQRASAGLIISEATQISAQAKGYAGAPGLHSPEQ
IAAWKKITAGVHAEDGRIAVQLWHTGRISHSSIQPGGQAPVSASALNANTRTSLRDENGNAIRVDTTTPRALELDEIPGI
VNDFRQAVANAREAGFDLVELHSAHGYLLHQFLSPSSNQRTDQYGGSVENRARLVLEVVDAVCNEWSADRIGIRVSPIGT
FQNVDNGPNEEADALYLIEELAKRGIAYLHMSETDLAGGKPYSEAFRQKVRERFHGVIIGAGAYTAEKAEDLIGKGLIDA
VAFGRDYIANPDLVARLQKKAELNPQRPESFYGGGAEGYTDYPSL
;
_entity_poly.pdbx_strand_id   A
#
loop_
_chem_comp.id
_chem_comp.type
_chem_comp.name
_chem_comp.formula
FMN non-polymer 'FLAVIN MONONUCLEOTIDE' 'C17 H21 N4 O9 P'
P80 non-polymer 3-[(E)-2-nitroethenyl]phenol 'C8 H7 N O3'
#
# COMPACT_ATOMS: atom_id res chain seq x y z
N ALA A 3 -29.22 -0.19 9.80
CA ALA A 3 -29.09 -1.04 8.58
C ALA A 3 -27.63 -1.25 8.23
N GLU A 4 -27.32 -2.32 7.51
CA GLU A 4 -25.94 -2.61 7.07
C GLU A 4 -25.62 -1.79 5.85
N LYS A 5 -24.43 -1.20 5.84
CA LYS A 5 -23.95 -0.38 4.74
C LYS A 5 -22.77 -1.02 4.01
N LEU A 6 -22.19 -2.08 4.55
CA LEU A 6 -21.01 -2.70 3.92
C LEU A 6 -21.25 -3.22 2.52
N PHE A 7 -22.51 -3.52 2.19
CA PHE A 7 -22.83 -4.10 0.92
C PHE A 7 -23.55 -3.14 0.02
N THR A 8 -23.28 -1.85 0.21
CA THR A 8 -23.81 -0.81 -0.67
C THR A 8 -22.67 -0.23 -1.50
N PRO A 9 -22.99 0.24 -2.72
CA PRO A 9 -21.94 0.76 -3.59
C PRO A 9 -21.27 2.05 -3.11
N LEU A 10 -20.12 2.33 -3.70
CA LEU A 10 -19.30 3.49 -3.33
C LEU A 10 -18.53 3.93 -4.56
N LYS A 11 -18.64 5.20 -4.89
CA LYS A 11 -17.83 5.77 -5.96
C LYS A 11 -16.43 6.01 -5.41
N VAL A 12 -15.42 5.42 -6.04
CA VAL A 12 -14.02 5.59 -5.64
C VAL A 12 -13.29 6.21 -6.83
N GLY A 13 -13.28 7.54 -6.88
CA GLY A 13 -12.75 8.24 -8.04
C GLY A 13 -13.46 7.74 -9.29
N ALA A 14 -12.67 7.31 -10.27
CA ALA A 14 -13.18 6.90 -11.58
C ALA A 14 -13.94 5.58 -11.59
N VAL A 15 -13.88 4.78 -10.53
CA VAL A 15 -14.60 3.50 -10.56
C VAL A 15 -15.64 3.43 -9.45
N THR A 16 -16.59 2.55 -9.66
CA THR A 16 -17.64 2.34 -8.69
C THR A 16 -17.52 0.95 -8.09
N ALA A 17 -17.27 0.90 -6.80
CA ALA A 17 -17.22 -0.35 -6.08
C ALA A 17 -18.65 -0.77 -5.71
N PRO A 18 -18.99 -2.07 -5.89
CA PRO A 18 -20.34 -2.52 -5.53
C PRO A 18 -20.58 -2.75 -4.03
N ASN A 19 -19.50 -2.72 -3.24
CA ASN A 19 -19.57 -2.91 -1.81
C ASN A 19 -18.35 -2.23 -1.19
N ARG A 20 -18.34 -2.19 0.13
CA ARG A 20 -17.28 -1.47 0.82
CA ARG A 20 -17.34 -1.45 0.93
C ARG A 20 -16.29 -2.36 1.54
N VAL A 21 -16.26 -3.62 1.13
CA VAL A 21 -15.33 -4.62 1.69
C VAL A 21 -14.16 -4.72 0.73
N PHE A 22 -13.05 -4.10 1.08
CA PHE A 22 -11.89 -4.03 0.22
C PHE A 22 -10.82 -5.02 0.67
N MET A 23 -10.03 -5.46 -0.31
CA MET A 23 -8.87 -6.30 -0.03
C MET A 23 -7.64 -5.40 0.13
N ALA A 24 -7.11 -5.45 1.33
CA ALA A 24 -5.92 -4.68 1.66
C ALA A 24 -4.72 -5.16 0.85
N PRO A 25 -3.72 -4.29 0.64
CA PRO A 25 -2.49 -4.71 -0.02
C PRO A 25 -1.74 -5.71 0.83
N LEU A 26 -1.32 -6.82 0.23
CA LEU A 26 -0.74 -7.96 0.94
C LEU A 26 0.42 -8.50 0.15
N THR A 27 1.62 -8.22 0.63
CA THR A 27 2.87 -8.80 0.14
C THR A 27 2.87 -10.30 0.41
N ARG A 28 3.09 -11.08 -0.64
CA ARG A 28 3.08 -12.53 -0.54
C ARG A 28 4.36 -13.17 -1.07
N LEU A 29 5.22 -12.40 -1.75
CA LEU A 29 6.60 -12.80 -2.10
C LEU A 29 6.69 -14.08 -2.92
N ARG A 30 5.85 -14.19 -3.94
CA ARG A 30 5.77 -15.37 -4.81
C ARG A 30 6.11 -15.06 -6.26
N SER A 31 6.73 -13.92 -6.54
CA SER A 31 7.09 -13.53 -7.90
C SER A 31 8.34 -14.28 -8.37
N ILE A 32 8.50 -14.34 -9.69
CA ILE A 32 9.69 -14.97 -10.30
C ILE A 32 10.92 -14.09 -10.21
N GLU A 33 12.05 -14.70 -9.85
CA GLU A 33 13.37 -14.11 -10.00
C GLU A 33 14.18 -15.05 -10.89
N PRO A 34 15.00 -14.50 -11.80
CA PRO A 34 15.23 -13.08 -12.04
C PRO A 34 14.02 -12.40 -12.70
N GLY A 35 13.90 -11.09 -12.48
CA GLY A 35 12.98 -10.26 -13.20
C GLY A 35 11.82 -9.73 -12.40
N ASP A 36 11.63 -10.24 -11.19
CA ASP A 36 10.55 -9.80 -10.28
C ASP A 36 9.20 -9.81 -11.00
N ILE A 37 8.92 -10.96 -11.61
CA ILE A 37 7.80 -11.07 -12.54
C ILE A 37 6.58 -11.70 -11.89
N PRO A 38 5.41 -11.05 -11.99
CA PRO A 38 4.18 -11.69 -11.52
C PRO A 38 3.87 -12.94 -12.31
N THR A 39 3.07 -13.80 -11.73
CA THR A 39 2.83 -15.12 -12.29
C THR A 39 1.35 -15.42 -12.48
N PRO A 40 1.05 -16.42 -13.32
CA PRO A 40 -0.33 -16.91 -13.40
C PRO A 40 -0.92 -17.39 -12.07
N LEU A 41 -0.09 -17.94 -11.19
CA LEU A 41 -0.57 -18.32 -9.86
C LEU A 41 -1.08 -17.09 -9.11
N MET A 42 -0.32 -16.00 -9.16
CA MET A 42 -0.77 -14.75 -8.58
C MET A 42 -2.07 -14.29 -9.24
N GLY A 43 -2.15 -14.43 -10.55
CA GLY A 43 -3.40 -14.12 -11.24
C GLY A 43 -4.60 -14.87 -10.73
N GLU A 44 -4.42 -16.16 -10.46
CA GLU A 44 -5.50 -17.00 -9.94
CA GLU A 44 -5.50 -16.99 -9.95
C GLU A 44 -5.93 -16.52 -8.55
N TYR A 45 -4.95 -16.24 -7.70
CA TYR A 45 -5.22 -15.70 -6.36
C TYR A 45 -6.06 -14.43 -6.41
N TYR A 46 -5.69 -13.51 -7.28
CA TYR A 46 -6.46 -12.25 -7.38
C TYR A 46 -7.85 -12.51 -7.97
N ARG A 47 -7.93 -13.39 -8.97
CA ARG A 47 -9.21 -13.72 -9.58
C ARG A 47 -10.19 -14.30 -8.57
N GLN A 48 -9.68 -15.13 -7.67
CA GLN A 48 -10.51 -15.73 -6.62
C GLN A 48 -11.16 -14.70 -5.71
N ARG A 49 -10.55 -13.52 -5.62
CA ARG A 49 -10.94 -12.45 -4.70
C ARG A 49 -11.65 -11.30 -5.41
N ALA A 50 -12.08 -11.52 -6.66
CA ALA A 50 -12.61 -10.45 -7.51
C ALA A 50 -13.96 -9.91 -7.05
N SER A 51 -14.64 -10.58 -6.12
CA SER A 51 -15.88 -10.04 -5.58
C SER A 51 -15.65 -8.89 -4.58
N ALA A 52 -14.40 -8.68 -4.15
CA ALA A 52 -14.07 -7.53 -3.31
C ALA A 52 -14.57 -6.24 -3.97
N GLY A 53 -15.03 -5.30 -3.15
CA GLY A 53 -15.40 -4.00 -3.68
C GLY A 53 -14.25 -3.37 -4.45
N LEU A 54 -13.03 -3.53 -3.95
CA LEU A 54 -11.81 -3.16 -4.62
C LEU A 54 -10.71 -4.09 -4.12
N ILE A 55 -9.91 -4.64 -5.02
CA ILE A 55 -8.69 -5.32 -4.65
C ILE A 55 -7.57 -4.28 -4.72
N ILE A 56 -6.78 -4.19 -3.67
CA ILE A 56 -5.54 -3.42 -3.69
C ILE A 56 -4.42 -4.45 -3.71
N SER A 57 -3.58 -4.39 -4.73
CA SER A 57 -2.54 -5.40 -4.89
C SER A 57 -1.47 -5.35 -3.82
N GLU A 58 -0.71 -6.42 -3.73
CA GLU A 58 0.60 -6.41 -3.05
C GLU A 58 1.44 -5.22 -3.52
N ALA A 59 2.29 -4.75 -2.60
CA ALA A 59 3.22 -3.69 -2.93
C ALA A 59 4.11 -4.11 -4.10
N THR A 60 4.24 -3.21 -5.04
CA THR A 60 4.88 -3.47 -6.33
C THR A 60 5.92 -2.38 -6.62
N GLN A 61 7.12 -2.79 -6.98
CA GLN A 61 8.22 -1.85 -7.25
C GLN A 61 7.98 -0.92 -8.41
N ILE A 62 8.30 0.35 -8.20
CA ILE A 62 8.31 1.35 -9.27
C ILE A 62 9.55 1.30 -10.16
N SER A 63 10.59 0.62 -9.68
CA SER A 63 11.90 0.54 -10.32
C SER A 63 12.66 -0.62 -9.71
N ALA A 64 13.77 -1.02 -10.31
CA ALA A 64 14.62 -2.03 -9.67
C ALA A 64 15.22 -1.53 -8.35
N GLN A 65 15.62 -0.26 -8.32
CA GLN A 65 16.14 0.33 -7.08
C GLN A 65 15.12 0.24 -5.94
N ALA A 66 13.84 0.32 -6.27
CA ALA A 66 12.78 0.26 -5.27
C ALA A 66 12.71 -1.07 -4.52
N LYS A 67 13.29 -2.13 -5.07
CA LYS A 67 13.16 -3.45 -4.49
C LYS A 67 13.82 -3.54 -3.13
N GLY A 68 13.08 -4.12 -2.19
CA GLY A 68 13.59 -4.44 -0.87
C GLY A 68 13.37 -5.87 -0.42
N TYR A 69 12.55 -6.62 -1.17
CA TYR A 69 12.12 -7.98 -0.80
C TYR A 69 12.27 -8.91 -1.99
N ALA A 70 12.93 -10.04 -1.78
CA ALA A 70 12.98 -11.08 -2.80
C ALA A 70 11.59 -11.68 -2.97
N GLY A 71 11.10 -11.70 -4.20
CA GLY A 71 9.77 -12.22 -4.48
C GLY A 71 8.68 -11.19 -4.66
N ALA A 72 8.95 -9.93 -4.33
CA ALA A 72 7.99 -8.86 -4.59
C ALA A 72 8.06 -8.46 -6.05
N PRO A 73 6.90 -8.24 -6.69
CA PRO A 73 6.88 -7.91 -8.10
C PRO A 73 7.22 -6.47 -8.42
N GLY A 74 7.62 -6.24 -9.66
CA GLY A 74 7.80 -4.90 -10.17
C GLY A 74 6.77 -4.51 -11.20
N LEU A 75 6.76 -3.23 -11.53
CA LEU A 75 5.97 -2.65 -12.61
C LEU A 75 6.78 -1.64 -13.40
N HIS A 76 8.03 -2.01 -13.66
CA HIS A 76 8.98 -1.15 -14.38
C HIS A 76 9.48 -1.77 -15.71
N SER A 77 9.44 -3.08 -15.88
CA SER A 77 10.02 -3.72 -17.07
C SER A 77 8.94 -4.20 -18.05
N PRO A 78 9.31 -4.37 -19.32
CA PRO A 78 8.34 -4.89 -20.28
C PRO A 78 7.74 -6.24 -19.86
N GLU A 79 8.53 -7.14 -19.31
CA GLU A 79 8.05 -8.44 -18.92
CA GLU A 79 8.02 -8.46 -18.92
C GLU A 79 7.04 -8.35 -17.76
N GLN A 80 7.30 -7.44 -16.82
CA GLN A 80 6.39 -7.19 -15.71
C GLN A 80 5.07 -6.62 -16.22
N ILE A 81 5.14 -5.65 -17.12
CA ILE A 81 3.93 -5.07 -17.69
C ILE A 81 3.09 -6.16 -18.37
N ALA A 82 3.73 -7.01 -19.16
CA ALA A 82 3.03 -8.06 -19.90
C ALA A 82 2.36 -9.03 -18.95
N ALA A 83 3.04 -9.39 -17.86
CA ALA A 83 2.48 -10.35 -16.90
C ALA A 83 1.31 -9.71 -16.12
N TRP A 84 1.46 -8.46 -15.69
CA TRP A 84 0.37 -7.76 -15.00
C TRP A 84 -0.85 -7.58 -15.91
N LYS A 85 -0.65 -7.36 -17.20
CA LYS A 85 -1.79 -7.26 -18.14
C LYS A 85 -2.68 -8.50 -18.06
N LYS A 86 -2.08 -9.67 -17.99
CA LYS A 86 -2.86 -10.92 -17.93
C LYS A 86 -3.63 -10.99 -16.61
N ILE A 87 -2.98 -10.56 -15.53
CA ILE A 87 -3.59 -10.58 -14.21
C ILE A 87 -4.77 -9.63 -14.11
N THR A 88 -4.62 -8.40 -14.58
CA THR A 88 -5.76 -7.48 -14.51
C THR A 88 -6.89 -7.94 -15.45
N ALA A 89 -6.54 -8.50 -16.59
CA ALA A 89 -7.55 -9.05 -17.52
C ALA A 89 -8.35 -10.14 -16.82
N GLY A 90 -7.69 -10.99 -16.04
CA GLY A 90 -8.39 -12.05 -15.32
C GLY A 90 -9.33 -11.52 -14.26
N VAL A 91 -8.91 -10.49 -13.51
CA VAL A 91 -9.77 -9.85 -12.51
C VAL A 91 -10.97 -9.21 -13.19
N HIS A 92 -10.73 -8.51 -14.29
CA HIS A 92 -11.82 -7.88 -15.04
C HIS A 92 -12.81 -8.89 -15.65
N ALA A 93 -12.33 -10.06 -16.06
CA ALA A 93 -13.21 -11.13 -16.56
C ALA A 93 -14.19 -11.61 -15.51
N GLU A 94 -13.82 -11.45 -14.23
CA GLU A 94 -14.68 -11.78 -13.09
C GLU A 94 -15.41 -10.56 -12.54
N ASP A 95 -15.46 -9.47 -13.30
CA ASP A 95 -16.15 -8.27 -12.90
CA ASP A 95 -16.14 -8.23 -12.92
C ASP A 95 -15.58 -7.60 -11.64
N GLY A 96 -14.28 -7.74 -11.42
CA GLY A 96 -13.61 -7.07 -10.31
C GLY A 96 -12.96 -5.77 -10.68
N ARG A 97 -12.42 -5.12 -9.64
CA ARG A 97 -11.66 -3.88 -9.82
C ARG A 97 -10.36 -4.05 -9.02
N ILE A 98 -9.24 -3.61 -9.59
CA ILE A 98 -7.94 -3.77 -8.96
C ILE A 98 -7.08 -2.52 -9.07
N ALA A 99 -6.57 -2.12 -7.90
CA ALA A 99 -5.57 -1.06 -7.78
C ALA A 99 -4.22 -1.68 -7.57
N VAL A 100 -3.17 -1.07 -8.12
CA VAL A 100 -1.82 -1.50 -7.83
C VAL A 100 -1.24 -0.59 -6.73
N GLN A 101 -0.72 -1.20 -5.68
CA GLN A 101 0.02 -0.45 -4.68
C GLN A 101 1.47 -0.35 -5.14
N LEU A 102 1.94 0.89 -5.27
CA LEU A 102 3.27 1.20 -5.79
C LEU A 102 4.17 1.69 -4.67
N TRP A 103 5.32 1.04 -4.50
CA TRP A 103 6.29 1.46 -3.48
C TRP A 103 7.69 1.60 -4.00
N HIS A 104 8.44 2.32 -3.18
CA HIS A 104 9.90 2.24 -3.13
C HIS A 104 10.20 1.89 -1.68
N THR A 105 10.95 0.82 -1.46
CA THR A 105 11.21 0.38 -0.10
C THR A 105 12.23 1.24 0.66
N GLY A 106 13.00 2.05 -0.06
CA GLY A 106 14.05 2.83 0.58
C GLY A 106 14.95 1.97 1.43
N ARG A 107 15.17 2.39 2.67
CA ARG A 107 16.11 1.70 3.54
C ARG A 107 15.67 0.32 4.06
N ILE A 108 14.40 -0.07 3.85
CA ILE A 108 13.98 -1.43 4.23
C ILE A 108 14.28 -2.33 3.04
N SER A 109 15.55 -2.72 2.96
CA SER A 109 16.12 -3.37 1.81
C SER A 109 17.49 -3.92 2.19
N HIS A 110 18.14 -4.55 1.21
CA HIS A 110 19.43 -5.17 1.43
C HIS A 110 20.26 -4.97 0.18
N SER A 111 21.56 -4.72 0.35
CA SER A 111 22.42 -4.44 -0.81
C SER A 111 22.46 -5.58 -1.80
N SER A 112 22.27 -6.83 -1.34
CA SER A 112 22.38 -7.99 -2.21
C SER A 112 21.30 -8.06 -3.29
N ILE A 113 20.24 -7.31 -3.13
CA ILE A 113 19.16 -7.29 -4.11
CA ILE A 113 19.15 -7.28 -4.11
C ILE A 113 19.00 -5.92 -4.78
N GLN A 114 19.93 -5.00 -4.54
CA GLN A 114 19.95 -3.69 -5.18
C GLN A 114 20.75 -3.74 -6.48
N PRO A 115 20.47 -2.81 -7.41
CA PRO A 115 21.32 -2.73 -8.61
C PRO A 115 22.79 -2.54 -8.23
N GLY A 116 23.66 -3.32 -8.84
CA GLY A 116 25.08 -3.25 -8.58
C GLY A 116 25.52 -3.70 -7.20
N GLY A 117 24.62 -4.28 -6.43
CA GLY A 117 24.91 -4.68 -5.06
C GLY A 117 25.19 -3.54 -4.11
N GLN A 118 24.66 -2.35 -4.41
CA GLN A 118 24.95 -1.17 -3.62
C GLN A 118 23.96 -0.96 -2.48
N ALA A 119 24.33 -0.08 -1.55
CA ALA A 119 23.47 0.26 -0.43
C ALA A 119 22.15 0.81 -0.97
N PRO A 120 21.03 0.49 -0.31
CA PRO A 120 19.76 1.08 -0.70
C PRO A 120 19.74 2.57 -0.31
N VAL A 121 18.77 3.31 -0.82
CA VAL A 121 18.69 4.75 -0.64
C VAL A 121 17.60 5.13 0.35
N SER A 122 17.75 6.29 0.97
CA SER A 122 16.76 6.82 1.88
C SER A 122 16.87 8.34 1.97
N ALA A 123 16.09 8.93 2.86
CA ALA A 123 16.22 10.35 3.18
C ALA A 123 17.57 10.65 3.84
N SER A 124 17.98 9.78 4.75
CA SER A 124 19.21 9.93 5.53
C SER A 124 19.90 8.58 5.65
N ALA A 125 21.18 8.61 6.02
CA ALA A 125 21.99 7.41 6.15
C ALA A 125 21.84 6.80 7.53
N LEU A 126 20.65 6.30 7.82
CA LEU A 126 20.30 5.71 9.10
C LEU A 126 19.73 4.35 8.84
N ASN A 127 20.29 3.33 9.47
CA ASN A 127 19.77 1.96 9.32
C ASN A 127 18.33 1.86 9.85
N ALA A 128 17.50 1.11 9.14
CA ALA A 128 16.12 0.86 9.56
C ALA A 128 16.02 0.09 10.86
N ASN A 129 17.08 -0.63 11.21
CA ASN A 129 17.14 -1.50 12.40
C ASN A 129 16.00 -2.49 12.45
N THR A 130 15.73 -3.07 11.29
CA THR A 130 14.75 -4.13 11.21
C THR A 130 15.27 -5.17 10.23
N ARG A 131 14.38 -6.04 9.78
CA ARG A 131 14.72 -7.08 8.82
C ARG A 131 13.86 -6.92 7.58
N THR A 132 14.40 -7.44 6.48
CA THR A 132 13.64 -7.61 5.25
C THR A 132 13.62 -9.09 4.89
N SER A 133 12.95 -9.44 3.80
CA SER A 133 12.83 -10.84 3.38
CA SER A 133 12.85 -10.83 3.39
C SER A 133 13.60 -11.05 2.09
N LEU A 134 14.61 -11.90 2.16
CA LEU A 134 15.35 -12.35 1.00
C LEU A 134 14.91 -13.78 0.68
N ARG A 135 15.60 -14.42 -0.25
CA ARG A 135 15.41 -15.84 -0.52
C ARG A 135 16.73 -16.55 -0.34
N ASP A 136 16.66 -17.73 0.23
CA ASP A 136 17.86 -18.57 0.35
C ASP A 136 18.17 -19.30 -0.97
N GLU A 137 19.15 -20.20 -0.95
CA GLU A 137 19.60 -20.88 -2.18
C GLU A 137 18.55 -21.80 -2.81
N ASN A 138 17.55 -22.19 -2.01
CA ASN A 138 16.45 -23.02 -2.49
C ASN A 138 15.20 -22.23 -2.82
N GLY A 139 15.28 -20.92 -2.74
CA GLY A 139 14.17 -20.05 -3.11
C GLY A 139 13.17 -19.77 -2.00
N ASN A 140 13.49 -20.16 -0.77
CA ASN A 140 12.58 -19.96 0.35
C ASN A 140 12.81 -18.63 1.06
N ALA A 141 11.73 -18.03 1.57
CA ALA A 141 11.85 -16.72 2.24
C ALA A 141 12.66 -16.80 3.52
N ILE A 142 13.57 -15.84 3.71
CA ILE A 142 14.40 -15.76 4.93
C ILE A 142 14.48 -14.31 5.36
N ARG A 143 14.53 -14.09 6.66
CA ARG A 143 14.59 -12.73 7.19
C ARG A 143 16.02 -12.32 7.46
N VAL A 144 16.41 -11.14 6.99
CA VAL A 144 17.81 -10.69 7.02
C VAL A 144 17.82 -9.24 7.44
N ASP A 145 18.78 -8.87 8.28
CA ASP A 145 18.91 -7.49 8.74
C ASP A 145 19.11 -6.50 7.58
N THR A 146 18.48 -5.35 7.68
CA THR A 146 18.55 -4.33 6.65
C THR A 146 19.94 -3.68 6.54
N THR A 147 20.30 -3.30 5.32
CA THR A 147 21.56 -2.63 5.04
C THR A 147 21.45 -1.14 5.31
N THR A 148 22.49 -0.56 5.89
CA THR A 148 22.51 0.88 6.12
C THR A 148 22.40 1.61 4.79
N PRO A 149 21.48 2.57 4.68
CA PRO A 149 21.26 3.24 3.41
C PRO A 149 22.20 4.41 3.17
N ARG A 150 22.22 4.83 1.92
CA ARG A 150 22.84 6.06 1.47
C ARG A 150 21.76 7.13 1.39
N ALA A 151 22.05 8.34 1.87
CA ALA A 151 21.14 9.46 1.73
C ALA A 151 21.05 9.90 0.28
N LEU A 152 19.86 10.03 -0.26
CA LEU A 152 19.71 10.54 -1.61
C LEU A 152 20.31 11.95 -1.72
N GLU A 153 21.00 12.22 -2.83
CA GLU A 153 21.44 13.58 -3.12
C GLU A 153 20.25 14.37 -3.62
N LEU A 154 20.26 15.68 -3.39
CA LEU A 154 19.18 16.54 -3.84
C LEU A 154 18.89 16.34 -5.33
N ASP A 155 19.91 16.19 -6.14
CA ASP A 155 19.68 16.05 -7.58
C ASP A 155 19.16 14.67 -7.99
N GLU A 156 19.08 13.72 -7.07
CA GLU A 156 18.44 12.41 -7.33
C GLU A 156 16.94 12.43 -7.08
N ILE A 157 16.41 13.46 -6.44
CA ILE A 157 14.99 13.48 -6.06
CA ILE A 157 15.01 13.43 -6.07
C ILE A 157 14.07 13.52 -7.29
N PRO A 158 14.37 14.37 -8.30
CA PRO A 158 13.51 14.32 -9.49
C PRO A 158 13.39 12.94 -10.14
N GLY A 159 14.47 12.16 -10.12
CA GLY A 159 14.43 10.80 -10.66
C GLY A 159 13.48 9.91 -9.90
N ILE A 160 13.41 10.03 -8.58
CA ILE A 160 12.47 9.25 -7.78
C ILE A 160 11.05 9.63 -8.16
N VAL A 161 10.76 10.92 -8.29
CA VAL A 161 9.44 11.37 -8.70
C VAL A 161 9.11 10.80 -10.09
N ASN A 162 10.04 10.88 -11.02
CA ASN A 162 9.87 10.31 -12.33
C ASN A 162 9.63 8.81 -12.32
N ASP A 163 10.27 8.08 -11.42
CA ASP A 163 10.05 6.65 -11.30
C ASP A 163 8.61 6.37 -10.89
N PHE A 164 8.06 7.12 -9.94
CA PHE A 164 6.66 6.96 -9.61
C PHE A 164 5.76 7.30 -10.80
N ARG A 165 6.06 8.40 -11.49
CA ARG A 165 5.27 8.78 -12.67
C ARG A 165 5.26 7.68 -13.74
N GLN A 166 6.45 7.18 -14.04
CA GLN A 166 6.62 6.15 -15.03
C GLN A 166 5.88 4.88 -14.65
N ALA A 167 5.97 4.49 -13.37
CA ALA A 167 5.28 3.31 -12.89
C ALA A 167 3.77 3.47 -13.01
N VAL A 168 3.25 4.69 -12.83
CA VAL A 168 1.83 4.95 -13.05
C VAL A 168 1.44 4.86 -14.52
N ALA A 169 2.27 5.39 -15.42
CA ALA A 169 2.04 5.17 -16.85
C ALA A 169 1.97 3.69 -17.14
N ASN A 170 2.90 2.92 -16.57
CA ASN A 170 2.94 1.48 -16.79
C ASN A 170 1.70 0.80 -16.19
N ALA A 171 1.24 1.25 -15.03
CA ALA A 171 0.07 0.69 -14.35
C ALA A 171 -1.20 0.91 -15.17
N ARG A 172 -1.36 2.10 -15.71
CA ARG A 172 -2.49 2.41 -16.56
C ARG A 172 -2.48 1.48 -17.78
N GLU A 173 -1.33 1.36 -18.43
CA GLU A 173 -1.16 0.44 -19.56
C GLU A 173 -1.45 -1.00 -19.14
N ALA A 174 -1.05 -1.41 -17.94
CA ALA A 174 -1.22 -2.79 -17.49
C ALA A 174 -2.65 -3.12 -17.12
N GLY A 175 -3.54 -2.14 -17.12
CA GLY A 175 -4.97 -2.40 -16.94
C GLY A 175 -5.48 -2.21 -15.53
N PHE A 176 -4.65 -1.71 -14.63
CA PHE A 176 -5.13 -1.39 -13.29
C PHE A 176 -6.19 -0.29 -13.35
N ASP A 177 -7.16 -0.37 -12.44
CA ASP A 177 -8.20 0.64 -12.37
C ASP A 177 -7.80 1.90 -11.60
N LEU A 178 -6.93 1.72 -10.62
CA LEU A 178 -6.44 2.79 -9.75
C LEU A 178 -5.01 2.46 -9.37
N VAL A 179 -4.32 3.44 -8.81
CA VAL A 179 -3.04 3.21 -8.16
CA VAL A 179 -3.01 3.29 -8.20
C VAL A 179 -3.10 3.68 -6.73
N GLU A 180 -2.40 2.98 -5.85
CA GLU A 180 -2.25 3.39 -4.45
C GLU A 180 -0.80 3.65 -4.19
N LEU A 181 -0.48 4.90 -3.85
CA LEU A 181 0.89 5.23 -3.47
C LEU A 181 1.19 4.73 -2.07
N HIS A 182 2.29 3.99 -1.91
CA HIS A 182 2.62 3.43 -0.60
C HIS A 182 3.41 4.47 0.21
N SER A 183 2.71 5.28 0.98
CA SER A 183 3.30 6.31 1.83
C SER A 183 3.24 5.92 3.30
N ALA A 184 3.28 4.62 3.60
CA ALA A 184 3.11 4.09 4.93
C ALA A 184 4.26 3.15 5.31
N HIS A 185 4.19 2.70 6.57
CA HIS A 185 4.92 1.53 7.07
C HIS A 185 6.44 1.62 7.00
N GLY A 186 6.97 2.83 7.01
CA GLY A 186 8.40 3.01 7.04
C GLY A 186 9.11 2.79 5.71
N TYR A 187 8.38 2.75 4.60
CA TYR A 187 9.01 2.68 3.29
C TYR A 187 9.42 4.08 2.81
N LEU A 188 9.86 4.25 1.57
CA LEU A 188 10.62 5.47 1.22
C LEU A 188 9.85 6.75 1.48
N LEU A 189 8.61 6.82 1.03
CA LEU A 189 7.84 8.04 1.22
C LEU A 189 7.66 8.40 2.70
N HIS A 190 7.37 7.39 3.52
CA HIS A 190 7.25 7.56 4.97
C HIS A 190 8.60 7.90 5.62
N GLN A 191 9.68 7.37 5.07
CA GLN A 191 11.03 7.70 5.53
C GLN A 191 11.28 9.19 5.42
N PHE A 192 10.79 9.83 4.37
CA PHE A 192 10.85 11.28 4.24
C PHE A 192 9.87 12.01 5.18
N LEU A 193 8.65 11.48 5.32
CA LEU A 193 7.65 12.13 6.16
C LEU A 193 8.03 12.18 7.63
N SER A 194 8.68 11.14 8.13
CA SER A 194 8.92 11.00 9.56
C SER A 194 10.21 11.70 9.98
N PRO A 195 10.16 12.54 11.04
CA PRO A 195 11.41 13.13 11.57
C PRO A 195 12.38 12.08 12.12
N SER A 196 11.90 10.91 12.52
CA SER A 196 12.76 9.84 13.07
CA SER A 196 12.79 9.90 13.08
C SER A 196 13.73 9.26 12.05
N SER A 197 13.31 9.27 10.78
CA SER A 197 14.11 8.71 9.70
C SER A 197 14.67 9.77 8.75
N ASN A 198 14.20 11.00 8.90
CA ASN A 198 14.61 12.08 8.05
C ASN A 198 15.34 13.14 8.87
N GLN A 199 16.66 13.19 8.72
CA GLN A 199 17.49 14.21 9.38
C GLN A 199 18.09 15.15 8.36
N ARG A 200 17.48 15.26 7.18
CA ARG A 200 17.98 16.15 6.15
C ARG A 200 17.85 17.60 6.56
N THR A 201 18.74 18.42 6.04
CA THR A 201 18.72 19.84 6.35
C THR A 201 18.56 20.65 5.06
N ASP A 202 18.10 20.01 3.98
CA ASP A 202 17.72 20.70 2.76
C ASP A 202 16.19 20.83 2.66
N GLN A 203 15.67 21.15 1.49
CA GLN A 203 14.23 21.39 1.31
C GLN A 203 13.37 20.12 1.41
N TYR A 204 14.00 18.98 1.62
CA TYR A 204 13.26 17.72 1.82
C TYR A 204 13.32 17.21 3.25
N GLY A 205 13.82 18.01 4.19
CA GLY A 205 13.77 17.67 5.62
C GLY A 205 13.54 18.88 6.50
N GLY A 206 13.31 18.63 7.78
CA GLY A 206 13.12 19.71 8.76
C GLY A 206 11.64 19.94 9.00
N SER A 207 11.10 20.99 8.43
CA SER A 207 9.70 21.33 8.64
C SER A 207 8.79 20.26 8.04
N VAL A 208 7.54 20.20 8.51
CA VAL A 208 6.59 19.25 7.92
C VAL A 208 6.36 19.53 6.43
N GLU A 209 6.36 20.80 6.03
CA GLU A 209 6.25 21.16 4.64
CA GLU A 209 6.24 21.14 4.62
C GLU A 209 7.37 20.46 3.84
N ASN A 210 8.58 20.53 4.37
CA ASN A 210 9.73 19.92 3.69
C ASN A 210 9.68 18.41 3.72
N ARG A 211 9.25 17.84 4.84
CA ARG A 211 9.14 16.38 4.96
C ARG A 211 8.07 15.79 4.06
N ALA A 212 7.01 16.55 3.82
CA ALA A 212 5.93 16.09 2.95
C ALA A 212 6.17 16.46 1.48
N ARG A 213 7.24 17.22 1.21
CA ARG A 213 7.48 17.71 -0.12
C ARG A 213 7.57 16.59 -1.16
N LEU A 214 8.34 15.56 -0.87
CA LEU A 214 8.49 14.45 -1.83
C LEU A 214 7.17 13.78 -2.14
N VAL A 215 6.40 13.42 -1.11
CA VAL A 215 5.16 12.69 -1.38
C VAL A 215 4.19 13.58 -2.17
N LEU A 216 4.15 14.89 -1.89
CA LEU A 216 3.26 15.75 -2.64
C LEU A 216 3.74 15.97 -4.08
N GLU A 217 5.05 16.02 -4.31
CA GLU A 217 5.58 16.05 -5.69
C GLU A 217 5.16 14.77 -6.44
N VAL A 218 5.25 13.63 -5.76
CA VAL A 218 4.84 12.37 -6.35
C VAL A 218 3.34 12.39 -6.69
N VAL A 219 2.53 12.84 -5.74
CA VAL A 219 1.09 12.93 -5.97
C VAL A 219 0.80 13.79 -7.20
N ASP A 220 1.42 14.96 -7.27
CA ASP A 220 1.19 15.86 -8.39
C ASP A 220 1.66 15.24 -9.73
N ALA A 221 2.80 14.58 -9.71
CA ALA A 221 3.31 13.96 -10.93
C ALA A 221 2.37 12.87 -11.44
N VAL A 222 1.84 12.03 -10.53
CA VAL A 222 0.99 10.92 -10.96
C VAL A 222 -0.40 11.39 -11.34
N CYS A 223 -0.90 12.45 -10.71
CA CYS A 223 -2.18 13.03 -11.13
C CYS A 223 -2.06 13.59 -12.54
N ASN A 224 -0.93 14.22 -12.84
CA ASN A 224 -0.69 14.77 -14.15
C ASN A 224 -0.52 13.66 -15.19
N GLU A 225 0.14 12.58 -14.81
CA GLU A 225 0.34 11.47 -15.73
C GLU A 225 -0.99 10.81 -16.12
N TRP A 226 -1.84 10.56 -15.13
CA TRP A 226 -3.13 9.93 -15.38
C TRP A 226 -4.23 10.95 -15.08
N SER A 227 -4.91 10.79 -13.94
CA SER A 227 -5.95 11.70 -13.51
CA SER A 227 -5.85 11.80 -13.47
C SER A 227 -6.01 11.59 -11.97
N ALA A 228 -6.37 12.68 -11.29
CA ALA A 228 -6.49 12.64 -9.83
C ALA A 228 -7.48 11.57 -9.36
N ASP A 229 -8.56 11.35 -10.10
CA ASP A 229 -9.57 10.36 -9.75
C ASP A 229 -9.12 8.90 -9.96
N ARG A 230 -7.84 8.71 -10.30
CA ARG A 230 -7.25 7.39 -10.41
C ARG A 230 -6.24 7.11 -9.31
N ILE A 231 -6.02 8.10 -8.44
CA ILE A 231 -4.92 8.04 -7.47
C ILE A 231 -5.42 7.93 -6.04
N GLY A 232 -4.94 6.91 -5.35
CA GLY A 232 -5.11 6.77 -3.91
C GLY A 232 -3.76 6.81 -3.22
N ILE A 233 -3.80 6.93 -1.91
CA ILE A 233 -2.57 6.95 -1.13
C ILE A 233 -2.81 6.25 0.19
N ARG A 234 -1.87 5.41 0.60
CA ARG A 234 -1.90 4.80 1.92
C ARG A 234 -0.89 5.46 2.83
N VAL A 235 -1.36 5.84 4.01
CA VAL A 235 -0.55 6.49 5.04
C VAL A 235 -0.73 5.69 6.33
N SER A 236 0.26 5.77 7.20
CA SER A 236 0.19 5.24 8.56
C SER A 236 0.76 6.32 9.48
N PRO A 237 0.00 7.43 9.64
CA PRO A 237 0.57 8.67 10.17
C PRO A 237 0.44 8.86 11.67
N ILE A 238 -0.17 7.91 12.36
CA ILE A 238 -0.36 7.95 13.81
C ILE A 238 0.20 6.64 14.36
N GLY A 239 1.17 6.75 15.26
CA GLY A 239 1.78 5.58 15.87
C GLY A 239 3.12 5.25 15.25
N THR A 240 3.61 4.06 15.57
CA THR A 240 4.88 3.55 15.10
C THR A 240 4.66 2.31 14.25
N PHE A 241 5.35 2.27 13.10
CA PHE A 241 5.27 1.17 12.16
C PHE A 241 6.66 0.83 11.70
N GLN A 242 7.02 -0.44 11.90
CA GLN A 242 8.29 -0.95 11.43
C GLN A 242 9.45 -0.03 11.87
N ASN A 243 9.40 0.37 13.14
CA ASN A 243 10.43 1.24 13.79
CA ASN A 243 10.42 1.20 13.79
C ASN A 243 10.44 2.67 13.31
N VAL A 244 9.44 3.09 12.56
CA VAL A 244 9.31 4.46 12.13
C VAL A 244 8.10 5.07 12.86
N ASP A 245 8.38 6.00 13.76
CA ASP A 245 7.29 6.74 14.40
C ASP A 245 6.94 7.95 13.53
N ASN A 246 6.00 8.75 13.98
CA ASN A 246 5.54 9.89 13.22
C ASN A 246 5.91 11.24 13.86
N GLY A 247 6.84 11.17 14.79
CA GLY A 247 7.44 12.38 15.34
C GLY A 247 6.59 12.97 16.41
N PRO A 248 7.05 14.10 16.97
CA PRO A 248 6.43 14.65 18.17
C PRO A 248 5.17 15.48 17.98
N ASN A 249 4.75 15.64 16.74
CA ASN A 249 3.61 16.42 16.36
CA ASN A 249 3.56 16.41 16.38
C ASN A 249 2.76 15.63 15.34
N GLU A 250 2.57 14.34 15.60
CA GLU A 250 2.02 13.47 14.57
C GLU A 250 0.63 13.86 14.09
N GLU A 251 -0.25 14.30 14.98
CA GLU A 251 -1.60 14.63 14.57
CA GLU A 251 -1.61 14.62 14.55
C GLU A 251 -1.64 15.88 13.67
N ALA A 252 -0.99 16.96 14.11
CA ALA A 252 -0.92 18.18 13.32
C ALA A 252 -0.26 17.94 11.96
N ASP A 253 0.82 17.16 11.97
CA ASP A 253 1.54 16.87 10.74
C ASP A 253 0.68 16.04 9.79
N ALA A 254 -0.12 15.10 10.34
CA ALA A 254 -1.03 14.28 9.54
C ALA A 254 -2.10 15.15 8.90
N LEU A 255 -2.66 16.08 9.67
CA LEU A 255 -3.72 16.93 9.16
C LEU A 255 -3.20 17.89 8.10
N TYR A 256 -1.97 18.37 8.24
CA TYR A 256 -1.33 19.17 7.19
C TYR A 256 -1.26 18.37 5.87
N LEU A 257 -0.73 17.14 5.95
CA LEU A 257 -0.61 16.30 4.75
C LEU A 257 -1.98 16.07 4.12
N ILE A 258 -2.98 15.76 4.95
CA ILE A 258 -4.30 15.43 4.44
C ILE A 258 -4.97 16.63 3.79
N GLU A 259 -4.81 17.83 4.39
CA GLU A 259 -5.31 19.05 3.76
C GLU A 259 -4.64 19.31 2.41
N GLU A 260 -3.35 19.04 2.33
CA GLU A 260 -2.65 19.16 1.04
C GLU A 260 -3.16 18.15 0.01
N LEU A 261 -3.32 16.90 0.44
CA LEU A 261 -3.85 15.86 -0.47
C LEU A 261 -5.23 16.23 -0.99
N ALA A 262 -6.06 16.81 -0.13
CA ALA A 262 -7.42 17.19 -0.51
C ALA A 262 -7.42 18.19 -1.66
N LYS A 263 -6.42 19.06 -1.69
CA LYS A 263 -6.35 20.09 -2.74
C LYS A 263 -6.20 19.45 -4.12
N ARG A 264 -5.65 18.23 -4.18
CA ARG A 264 -5.44 17.56 -5.46
C ARG A 264 -6.67 16.80 -5.94
N GLY A 265 -7.69 16.64 -5.09
CA GLY A 265 -8.91 15.94 -5.49
C GLY A 265 -8.69 14.47 -5.82
N ILE A 266 -7.78 13.82 -5.10
CA ILE A 266 -7.47 12.43 -5.34
C ILE A 266 -8.62 11.52 -4.95
N ALA A 267 -8.58 10.29 -5.47
CA ALA A 267 -9.68 9.33 -5.30
C ALA A 267 -9.87 8.93 -3.84
N TYR A 268 -8.81 8.61 -3.13
CA TYR A 268 -8.97 8.11 -1.78
C TYR A 268 -7.75 8.26 -0.90
N LEU A 269 -8.04 8.24 0.39
CA LEU A 269 -7.08 8.24 1.47
C LEU A 269 -7.26 6.95 2.27
N HIS A 270 -6.24 6.12 2.30
CA HIS A 270 -6.29 4.81 2.97
C HIS A 270 -5.41 4.90 4.21
N MET A 271 -6.05 4.80 5.37
CA MET A 271 -5.33 4.95 6.64
CA MET A 271 -5.37 4.96 6.66
C MET A 271 -5.10 3.59 7.27
N SER A 272 -3.84 3.21 7.36
CA SER A 272 -3.42 2.02 8.09
C SER A 272 -3.26 2.42 9.54
N GLU A 273 -4.16 1.94 10.40
CA GLU A 273 -4.33 2.51 11.72
C GLU A 273 -3.43 1.83 12.73
N THR A 274 -2.99 0.62 12.43
CA THR A 274 -2.19 -0.18 13.35
C THR A 274 -1.46 -1.27 12.59
N ASP A 275 -0.38 -1.76 13.19
CA ASP A 275 0.27 -2.99 12.74
C ASP A 275 -0.34 -4.17 13.49
N LEU A 276 0.22 -5.36 13.33
CA LEU A 276 -0.42 -6.58 13.90
C LEU A 276 -0.32 -6.64 15.41
N ALA A 277 0.62 -5.90 15.99
CA ALA A 277 0.80 -5.89 17.44
C ALA A 277 -0.21 -4.97 18.14
N GLY A 278 -0.88 -4.12 17.36
CA GLY A 278 -1.94 -3.28 17.88
C GLY A 278 -1.42 -2.06 18.60
N GLY A 279 -2.34 -1.30 19.17
CA GLY A 279 -1.96 -0.10 19.92
C GLY A 279 -3.12 0.87 20.03
N LYS A 280 -2.78 2.13 20.29
CA LYS A 280 -3.77 3.17 20.56
C LYS A 280 -4.77 3.32 19.40
N PRO A 281 -6.07 3.21 19.71
CA PRO A 281 -7.07 3.51 18.68
C PRO A 281 -7.08 5.00 18.28
N TYR A 282 -7.44 5.28 17.03
CA TYR A 282 -7.70 6.66 16.61
C TYR A 282 -8.81 7.25 17.48
N SER A 283 -8.65 8.48 17.93
CA SER A 283 -9.74 9.16 18.63
C SER A 283 -10.84 9.54 17.63
N GLU A 284 -12.06 9.61 18.12
CA GLU A 284 -13.16 10.13 17.32
C GLU A 284 -12.85 11.55 16.84
N ALA A 285 -12.26 12.37 17.70
CA ALA A 285 -11.95 13.75 17.33
C ALA A 285 -11.00 13.79 16.16
N PHE A 286 -9.98 12.94 16.18
CA PHE A 286 -9.05 12.89 15.07
C PHE A 286 -9.76 12.43 13.79
N ARG A 287 -10.61 11.40 13.87
CA ARG A 287 -11.35 10.96 12.70
C ARG A 287 -12.20 12.10 12.11
N GLN A 288 -12.82 12.87 13.00
CA GLN A 288 -13.63 14.03 12.58
CA GLN A 288 -13.61 14.02 12.56
C GLN A 288 -12.77 15.10 11.88
N LYS A 289 -11.59 15.37 12.42
CA LYS A 289 -10.70 16.36 11.81
CA LYS A 289 -10.69 16.35 11.81
C LYS A 289 -10.23 15.91 10.43
N VAL A 290 -9.97 14.60 10.27
CA VAL A 290 -9.62 14.06 8.95
C VAL A 290 -10.79 14.23 7.98
N ARG A 291 -11.99 13.84 8.43
CA ARG A 291 -13.15 13.85 7.57
C ARG A 291 -13.51 15.23 7.07
N GLU A 292 -13.36 16.24 7.95
CA GLU A 292 -13.71 17.61 7.52
C GLU A 292 -12.70 18.18 6.54
N ARG A 293 -11.51 17.61 6.47
CA ARG A 293 -10.45 18.09 5.58
C ARG A 293 -10.34 17.40 4.26
N PHE A 294 -10.85 16.19 4.15
CA PHE A 294 -10.65 15.38 2.95
C PHE A 294 -12.00 15.05 2.37
N HIS A 295 -12.17 15.23 1.06
CA HIS A 295 -13.45 15.10 0.39
CA HIS A 295 -13.50 14.96 0.45
C HIS A 295 -13.48 13.94 -0.65
N GLY A 296 -12.54 13.03 -0.54
CA GLY A 296 -12.59 11.77 -1.26
C GLY A 296 -12.97 10.63 -0.34
N VAL A 297 -12.86 9.43 -0.85
CA VAL A 297 -13.11 8.23 -0.06
C VAL A 297 -12.05 8.04 1.02
N ILE A 298 -12.49 7.68 2.21
CA ILE A 298 -11.61 7.28 3.28
C ILE A 298 -11.78 5.79 3.55
N ILE A 299 -10.65 5.08 3.51
CA ILE A 299 -10.61 3.65 3.77
C ILE A 299 -9.90 3.46 5.10
N GLY A 300 -10.55 2.77 6.04
CA GLY A 300 -9.94 2.41 7.32
C GLY A 300 -9.38 1.00 7.24
N ALA A 301 -8.29 0.76 7.97
CA ALA A 301 -7.68 -0.57 7.98
C ALA A 301 -6.94 -0.80 9.26
N GLY A 302 -6.86 -2.07 9.66
CA GLY A 302 -6.04 -2.52 10.78
C GLY A 302 -6.87 -3.17 11.85
N ALA A 303 -6.89 -4.50 11.85
CA ALA A 303 -7.65 -5.28 12.83
C ALA A 303 -9.11 -4.89 12.92
N TYR A 304 -9.72 -4.55 11.80
CA TYR A 304 -11.14 -4.22 11.78
C TYR A 304 -11.96 -5.48 11.92
N THR A 305 -13.16 -5.31 12.42
CA THR A 305 -14.23 -6.28 12.28
C THR A 305 -15.29 -5.63 11.38
N ALA A 306 -16.18 -6.44 10.82
CA ALA A 306 -17.32 -5.92 10.07
C ALA A 306 -18.13 -4.96 10.93
N GLU A 307 -18.31 -5.29 12.20
CA GLU A 307 -19.08 -4.46 13.11
CA GLU A 307 -19.07 -4.46 13.12
C GLU A 307 -18.43 -3.08 13.31
N LYS A 308 -17.11 -3.04 13.46
CA LYS A 308 -16.43 -1.75 13.61
C LYS A 308 -16.56 -0.92 12.33
N ALA A 309 -16.42 -1.59 11.19
CA ALA A 309 -16.57 -0.92 9.90
C ALA A 309 -17.98 -0.34 9.76
N GLU A 310 -19.01 -1.11 10.08
CA GLU A 310 -20.38 -0.61 10.03
C GLU A 310 -20.58 0.58 10.94
N ASP A 311 -20.01 0.50 12.15
CA ASP A 311 -20.13 1.60 13.10
C ASP A 311 -19.55 2.90 12.55
N LEU A 312 -18.33 2.84 12.02
CA LEU A 312 -17.65 4.04 11.54
C LEU A 312 -18.22 4.54 10.23
N ILE A 313 -18.68 3.64 9.36
CA ILE A 313 -19.37 4.03 8.14
C ILE A 313 -20.70 4.70 8.50
N GLY A 314 -21.42 4.14 9.46
CA GLY A 314 -22.69 4.71 9.93
C GLY A 314 -22.55 6.06 10.57
N LYS A 315 -21.42 6.30 11.23
CA LYS A 315 -21.10 7.59 11.83
C LYS A 315 -20.61 8.61 10.81
N GLY A 316 -20.44 8.20 9.55
CA GLY A 316 -20.00 9.11 8.50
C GLY A 316 -18.54 9.48 8.56
N LEU A 317 -17.73 8.64 9.18
CA LEU A 317 -16.32 8.94 9.41
C LEU A 317 -15.39 8.28 8.40
N ILE A 318 -15.75 7.08 7.93
CA ILE A 318 -15.03 6.40 6.85
C ILE A 318 -16.06 5.92 5.84
N ASP A 319 -15.58 5.51 4.68
CA ASP A 319 -16.45 5.03 3.61
C ASP A 319 -16.31 3.54 3.33
N ALA A 320 -15.14 2.96 3.62
CA ALA A 320 -14.87 1.56 3.31
C ALA A 320 -13.84 1.05 4.27
N VAL A 321 -13.69 -0.27 4.29
CA VAL A 321 -12.74 -0.95 5.14
C VAL A 321 -11.90 -1.88 4.29
N ALA A 322 -10.60 -1.91 4.54
CA ALA A 322 -9.75 -2.90 3.92
C ALA A 322 -9.37 -3.94 4.94
N PHE A 323 -9.63 -5.20 4.57
CA PHE A 323 -9.25 -6.36 5.37
C PHE A 323 -8.04 -7.02 4.74
N GLY A 324 -7.06 -7.35 5.58
CA GLY A 324 -5.83 -7.99 5.15
C GLY A 324 -5.90 -9.50 5.37
N ARG A 325 -5.63 -9.95 6.60
CA ARG A 325 -5.54 -11.37 6.87
C ARG A 325 -6.83 -12.14 6.55
N ASP A 326 -8.00 -11.52 6.80
CA ASP A 326 -9.23 -12.20 6.46
C ASP A 326 -9.34 -12.39 4.95
N TYR A 327 -8.72 -11.50 4.15
CA TYR A 327 -8.71 -11.70 2.69
C TYR A 327 -7.69 -12.74 2.25
N ILE A 328 -6.58 -12.90 2.95
CA ILE A 328 -5.69 -14.02 2.66
C ILE A 328 -6.49 -15.33 2.69
N ALA A 329 -7.27 -15.48 3.75
CA ALA A 329 -7.90 -16.76 4.07
C ALA A 329 -9.30 -16.96 3.49
N ASN A 330 -9.93 -15.90 2.98
CA ASN A 330 -11.32 -15.98 2.54
C ASN A 330 -11.51 -15.33 1.21
N PRO A 331 -11.44 -16.09 0.11
CA PRO A 331 -11.53 -15.43 -1.19
C PRO A 331 -12.87 -14.74 -1.39
N ASP A 332 -13.91 -15.34 -0.82
CA ASP A 332 -15.28 -14.83 -0.82
C ASP A 332 -15.64 -14.14 0.49
N LEU A 333 -14.72 -13.35 1.03
CA LEU A 333 -15.00 -12.65 2.26
C LEU A 333 -16.30 -11.83 2.17
N VAL A 334 -16.59 -11.20 1.03
CA VAL A 334 -17.81 -10.41 0.90
C VAL A 334 -19.05 -11.28 1.22
N ALA A 335 -19.16 -12.43 0.57
CA ALA A 335 -20.30 -13.32 0.81
C ALA A 335 -20.34 -13.80 2.25
N ARG A 336 -19.18 -14.11 2.82
CA ARG A 336 -19.15 -14.58 4.19
C ARG A 336 -19.62 -13.51 5.16
N LEU A 337 -19.20 -12.26 4.98
CA LEU A 337 -19.65 -11.19 5.86
C LEU A 337 -21.13 -10.89 5.65
N GLN A 338 -21.59 -11.00 4.40
CA GLN A 338 -23.00 -10.75 4.12
C GLN A 338 -23.89 -11.79 4.79
N LYS A 339 -23.45 -13.05 4.76
CA LYS A 339 -24.23 -14.19 5.27
C LYS A 339 -23.98 -14.48 6.74
N LYS A 340 -23.02 -13.78 7.35
CA LYS A 340 -22.59 -14.06 8.72
C LYS A 340 -22.06 -15.48 8.88
N ALA A 341 -21.32 -15.93 7.87
CA ALA A 341 -20.71 -17.24 7.86
C ALA A 341 -19.39 -17.21 8.62
N GLU A 342 -18.92 -18.37 9.05
CA GLU A 342 -17.60 -18.44 9.67
C GLU A 342 -16.51 -18.12 8.63
N LEU A 343 -15.33 -17.77 9.14
CA LEU A 343 -14.17 -17.43 8.33
C LEU A 343 -13.17 -18.60 8.37
N ASN A 344 -12.55 -18.91 7.22
CA ASN A 344 -11.58 -19.99 7.15
C ASN A 344 -10.45 -19.73 8.15
N PRO A 345 -9.88 -20.80 8.72
CA PRO A 345 -8.72 -20.67 9.58
C PRO A 345 -7.49 -20.19 8.82
N GLN A 346 -6.85 -19.15 9.33
CA GLN A 346 -5.64 -18.62 8.71
C GLN A 346 -4.45 -19.51 8.99
N ARG A 347 -3.51 -19.53 8.04
CA ARG A 347 -2.29 -20.33 8.12
C ARG A 347 -1.09 -19.40 7.92
N PRO A 348 -0.66 -18.71 9.00
CA PRO A 348 0.38 -17.68 8.84
C PRO A 348 1.71 -18.16 8.30
N GLU A 349 2.02 -19.45 8.44
CA GLU A 349 3.30 -19.97 7.97
C GLU A 349 3.47 -19.81 6.47
N SER A 350 2.36 -19.71 5.73
CA SER A 350 2.40 -19.59 4.28
C SER A 350 1.99 -18.20 3.79
N PHE A 351 2.02 -17.20 4.66
CA PHE A 351 1.78 -15.84 4.19
C PHE A 351 2.87 -15.41 3.18
N TYR A 352 4.14 -15.70 3.47
CA TYR A 352 5.26 -15.21 2.66
C TYR A 352 5.98 -16.34 1.94
N GLY A 353 6.15 -16.21 0.64
CA GLY A 353 6.91 -17.18 -0.15
C GLY A 353 6.18 -18.46 -0.43
N GLY A 354 6.87 -19.39 -1.07
CA GLY A 354 6.29 -20.69 -1.40
C GLY A 354 5.48 -20.65 -2.66
N GLY A 355 4.37 -21.41 -2.65
CA GLY A 355 3.58 -21.63 -3.86
C GLY A 355 2.11 -21.60 -3.59
N ALA A 356 1.36 -22.48 -4.24
CA ALA A 356 -0.09 -22.48 -4.16
C ALA A 356 -0.61 -22.75 -2.74
N GLU A 357 0.11 -23.58 -1.98
CA GLU A 357 -0.35 -23.93 -0.64
C GLU A 357 -0.35 -22.69 0.25
N GLY A 358 -1.48 -22.45 0.89
CA GLY A 358 -1.66 -21.24 1.70
C GLY A 358 -1.84 -19.97 0.88
N TYR A 359 -2.15 -20.12 -0.40
CA TYR A 359 -2.26 -18.98 -1.31
C TYR A 359 -3.57 -19.09 -2.09
N THR A 360 -3.69 -20.12 -2.92
CA THR A 360 -4.88 -20.32 -3.76
C THR A 360 -5.76 -21.47 -3.28
N ASP A 361 -5.45 -22.06 -2.14
CA ASP A 361 -6.15 -23.26 -1.66
C ASP A 361 -7.07 -23.00 -0.49
N TYR A 362 -7.36 -21.74 -0.18
CA TYR A 362 -8.42 -21.46 0.80
C TYR A 362 -9.76 -21.46 0.07
N PRO A 363 -10.72 -22.26 0.55
CA PRO A 363 -11.97 -22.44 -0.17
C PRO A 363 -12.98 -21.34 0.00
N SER A 364 -13.85 -21.20 -1.00
CA SER A 364 -15.07 -20.44 -0.85
CA SER A 364 -15.07 -20.42 -0.83
C SER A 364 -16.10 -21.22 -0.04
N LEU A 365 -17.16 -20.55 0.35
CA LEU A 365 -18.33 -21.24 0.88
C LEU A 365 -18.89 -22.20 -0.15
N1 FMN B . 0.40 -3.33 3.91
C2 FMN B . 0.74 -2.62 2.81
O2 FMN B . 0.48 -1.40 2.76
N3 FMN B . 1.33 -3.22 1.74
C4 FMN B . 1.64 -4.53 1.72
O4 FMN B . 2.15 -5.05 0.69
C4A FMN B . 1.31 -5.29 2.87
N5 FMN B . 1.62 -6.62 2.91
C5A FMN B . 1.18 -7.34 3.99
C6 FMN B . 1.43 -8.71 3.99
C7 FMN B . 0.97 -9.52 5.01
C7M FMN B . 1.25 -11.00 4.98
C8 FMN B . 0.25 -8.95 6.05
C8M FMN B . -0.26 -9.81 7.20
C9 FMN B . 0.01 -7.57 6.05
C9A FMN B . 0.48 -6.72 5.01
N10 FMN B . 0.26 -5.39 4.99
N10 FMN B . 0.25 -5.38 5.01
C10 FMN B . 0.66 -4.66 3.94
C1' FMN B . -0.59 -4.77 6.01
C1' FMN B . -0.81 -4.78 5.88
C2' FMN B . -2.04 -5.12 5.72
C2' FMN B . -2.22 -5.02 5.34
O2' FMN B . -2.51 -4.40 4.57
O2' FMN B . -2.43 -4.31 4.11
C3' FMN B . -2.96 -4.77 6.88
C3' FMN B . -3.38 -4.57 6.24
O3' FMN B . -2.83 -3.38 7.19
O3' FMN B . -3.30 -3.18 6.61
C4' FMN B . -2.67 -5.58 8.15
C4' FMN B . -3.53 -5.35 7.53
O4' FMN B . -2.65 -6.97 7.81
O4' FMN B . -3.40 -6.74 7.21
C5' FMN B . -3.71 -5.28 9.23
C5' FMN B . -4.87 -5.02 8.15
O5' FMN B . -5.05 -5.48 8.75
O5' FMN B . -5.13 -5.72 9.35
P FMN B . -5.85 -6.87 9.10
P FMN B . -5.96 -7.10 9.27
O1P FMN B . -5.01 -8.05 8.61
O1P FMN B . -5.01 -8.12 8.66
O2P FMN B . -6.02 -6.84 10.61
O2P FMN B . -6.26 -7.33 10.73
O3P FMN B . -7.14 -6.74 8.33
O3P FMN B . -7.17 -6.82 8.42
C1 P80 C . 3.29 -7.34 7.10
C1 P80 C . 2.51 -5.96 7.51
N1 P80 C . 2.74 -7.88 8.17
N1 P80 C . 2.06 -6.70 8.51
O1 P80 C . 3.05 -9.22 8.51
O1 P80 C . 1.13 -6.10 9.36
C2 P80 C . 3.04 -6.03 6.73
C2 P80 C . 3.43 -6.43 6.58
O2 P80 C . 1.84 -7.13 8.95
O2 P80 C . 2.49 -8.00 8.71
C1' P80 C . 3.58 -5.46 5.59
C1' P80 C . 3.81 -5.65 5.46
C2' P80 C . 3.30 -4.13 5.29
C2' P80 C . 3.49 -4.29 5.31
C3' P80 C . 3.82 -3.54 4.13
C3' P80 C . 3.84 -3.61 4.15
O3' P80 C . 3.51 -2.26 3.87
O3' P80 C . 3.50 -2.32 4.01
C4' P80 C . 4.59 -4.29 3.25
C4' P80 C . 4.52 -4.26 3.13
C5' P80 C . 4.86 -5.62 3.53
C5' P80 C . 4.81 -5.62 3.27
C6' P80 C . 4.35 -6.20 4.68
C6' P80 C . 4.45 -6.31 4.42
C1 P80 D . 6.22 -5.15 7.37
N1 P80 D . 5.92 -4.20 8.23
O1 P80 D . 5.29 -3.01 7.80
C2 P80 D . 6.82 -6.36 7.76
O2 P80 D . 6.23 -4.29 9.58
C1' P80 D . 7.15 -7.42 6.92
C2' P80 D . 7.38 -8.67 7.49
C3' P80 D . 7.70 -9.78 6.70
O3' P80 D . 7.94 -10.99 7.26
C4' P80 D . 7.78 -9.63 5.32
C5' P80 D . 7.54 -8.39 4.75
C6' P80 D . 7.23 -7.29 5.53
#